data_5XSZ
#
_entry.id   5XSZ
#
_cell.length_a   55.880
_cell.length_b   65.020
_cell.length_c   160.650
_cell.angle_alpha   90.000
_cell.angle_beta   90.000
_cell.angle_gamma   90.000
#
_symmetry.space_group_name_H-M   'P 21 21 21'
#
loop_
_entity.id
_entity.type
_entity.pdbx_description
1 polymer 'Lysophosphatidic acid receptor 6a,Endolysin,Lysophosphatidic acid receptor 6a'
2 non-polymer '(2R)-2,3-dihydroxypropyl (9Z)-octadec-9-enoate'
#
_entity_poly.entity_id   1
_entity_poly.type   'polypeptide(L)'
_entity_poly.pdbx_seq_one_letter_code
;GMYNTSLEMEMLNVSNVTHCPKNDNFKYPLYSMVFSIVFMVGLITNVAAMYIFMCSLKLRNETTTYMMNLVVSDLLFVLT
LPLRVFYFVQQNWPFGSLLCKLSVSLFYTNMYGSILFLTCISVDRFLAIVYPFRSRGLRTKRNAKIVCAAVWVLVLSGSL
PTGFMLNSTNKLENNSISCFENFSSKEWKSHLSKVVIFIETVGFLIPLMLNVVCSAMVLQTLRRPNTVNIFEMLRIDNGL
RLKIYKNTEGYYTIGIGHLLTKSPSLNAAKSELDKAIGRNTNGVITKDEAEKLFNQDVDAAVRGILRNAKLKPVYDSLDA
VRRAALINMVFQMGETGVAGFTNSLRMLQQKRWDEAAVNLAKSRWYNQTPNRAKRVITTFRTGTWDAYLNKKKILRMIIV
HLFIFCFCFIPYNVNLVFYSLVRTNTLKGCAAESVVRTIYPIALCIAVSNCCFDPIVYYFTSETIQNSASSEDLYFQ
;
_entity_poly.pdbx_strand_id   A
#
# COMPACT_ATOMS: atom_id res chain seq x y z
N ASP A 24 -38.16 -11.73 15.32
CA ASP A 24 -36.86 -11.32 14.81
C ASP A 24 -36.15 -12.50 14.15
N ASN A 25 -36.89 -13.22 13.31
CA ASN A 25 -36.34 -14.38 12.62
C ASN A 25 -35.25 -14.00 11.63
N PHE A 26 -35.24 -12.76 11.14
CA PHE A 26 -34.15 -12.32 10.29
C PHE A 26 -32.82 -12.40 11.01
N LYS A 27 -32.83 -12.34 12.34
CA LYS A 27 -31.59 -12.18 13.09
C LYS A 27 -30.91 -13.52 13.38
N TYR A 28 -31.65 -14.46 13.93
CA TYR A 28 -30.95 -15.59 14.53
C TYR A 28 -30.47 -16.60 13.48
N PRO A 29 -31.32 -17.11 12.59
CA PRO A 29 -30.80 -18.11 11.65
C PRO A 29 -29.90 -17.54 10.57
N LEU A 30 -30.09 -16.27 10.18
CA LEU A 30 -29.25 -15.68 9.12
C LEU A 30 -27.79 -15.66 9.53
N TYR A 31 -27.51 -15.29 10.78
CA TYR A 31 -26.16 -15.40 11.32
C TYR A 31 -25.56 -16.77 11.06
N SER A 32 -26.33 -17.83 11.33
CA SER A 32 -25.82 -19.18 11.15
C SER A 32 -25.43 -19.44 9.70
N MET A 33 -26.22 -18.92 8.75
CA MET A 33 -25.92 -19.11 7.33
C MET A 33 -24.70 -18.32 6.91
N VAL A 34 -24.74 -17.00 7.14
CA VAL A 34 -23.64 -16.13 6.76
C VAL A 34 -22.33 -16.59 7.40
N PHE A 35 -22.34 -16.86 8.70
CA PHE A 35 -21.10 -17.20 9.38
C PHE A 35 -20.51 -18.49 8.83
N SER A 36 -21.35 -19.49 8.54
CA SER A 36 -20.85 -20.74 7.98
C SER A 36 -20.20 -20.50 6.63
N ILE A 37 -20.88 -19.75 5.76
CA ILE A 37 -20.31 -19.42 4.44
C ILE A 37 -19.06 -18.57 4.61
N VAL A 38 -19.16 -17.49 5.41
CA VAL A 38 -18.02 -16.60 5.63
C VAL A 38 -16.84 -17.37 6.21
N PHE A 39 -17.09 -18.25 7.17
CA PHE A 39 -16.01 -19.04 7.77
C PHE A 39 -15.23 -19.83 6.72
N MET A 40 -15.95 -20.51 5.81
CA MET A 40 -15.28 -21.30 4.78
C MET A 40 -14.53 -20.41 3.81
N VAL A 41 -15.21 -19.37 3.31
CA VAL A 41 -14.57 -18.43 2.41
C VAL A 41 -13.40 -17.74 3.11
N GLY A 42 -13.67 -17.13 4.26
CA GLY A 42 -12.64 -16.37 4.96
C GLY A 42 -11.42 -17.19 5.32
N LEU A 43 -11.63 -18.38 5.86
CA LEU A 43 -10.50 -19.20 6.32
C LEU A 43 -9.57 -19.54 5.17
N ILE A 44 -10.13 -20.03 4.07
CA ILE A 44 -9.29 -20.50 2.95
C ILE A 44 -8.55 -19.33 2.31
N THR A 45 -9.27 -18.23 2.02
CA THR A 45 -8.63 -17.10 1.37
C THR A 45 -7.57 -16.46 2.25
N ASN A 46 -7.86 -16.29 3.55
CA ASN A 46 -6.90 -15.63 4.42
C ASN A 46 -5.68 -16.51 4.72
N VAL A 47 -5.88 -17.83 4.85
CA VAL A 47 -4.75 -18.72 5.01
C VAL A 47 -3.88 -18.70 3.75
N ALA A 48 -4.52 -18.71 2.58
CA ALA A 48 -3.77 -18.65 1.33
C ALA A 48 -3.07 -17.31 1.18
N ALA A 49 -3.74 -16.22 1.57
CA ALA A 49 -3.10 -14.91 1.52
C ALA A 49 -1.91 -14.84 2.46
N MET A 50 -2.07 -15.35 3.68
CA MET A 50 -0.97 -15.35 4.63
C MET A 50 0.23 -16.12 4.09
N TYR A 51 -0.01 -17.34 3.59
CA TYR A 51 1.06 -18.15 3.03
C TYR A 51 1.77 -17.42 1.89
N ILE A 52 1.00 -16.77 1.00
CA ILE A 52 1.60 -16.04 -0.10
C ILE A 52 2.49 -14.92 0.41
N PHE A 53 2.07 -14.26 1.49
CA PHE A 53 2.81 -13.12 2.02
C PHE A 53 4.20 -13.53 2.49
N MET A 54 4.30 -14.65 3.20
CA MET A 54 5.56 -15.03 3.81
C MET A 54 6.63 -15.28 2.76
N CYS A 55 6.35 -16.17 1.80
CA CYS A 55 7.39 -16.74 0.96
C CYS A 55 7.81 -15.79 -0.16
N SER A 56 6.87 -15.06 -0.75
CA SER A 56 7.11 -14.37 -2.00
C SER A 56 7.67 -12.98 -1.78
N LEU A 57 8.76 -12.67 -2.49
CA LEU A 57 9.41 -11.36 -2.60
C LEU A 57 10.16 -10.93 -1.34
N LYS A 58 10.27 -11.79 -0.33
CA LYS A 58 11.10 -11.56 0.84
C LYS A 58 10.78 -10.28 1.61
N LEU A 59 9.71 -10.31 2.42
CA LEU A 59 9.24 -9.13 3.16
C LEU A 59 9.12 -7.93 2.21
N ARG A 60 8.15 -8.04 1.31
CA ARG A 60 8.15 -7.25 0.10
C ARG A 60 8.22 -5.75 0.37
N ASN A 61 7.39 -5.25 1.28
CA ASN A 61 7.23 -3.81 1.35
C ASN A 61 6.73 -3.43 2.74
N GLU A 62 6.67 -2.11 2.98
CA GLU A 62 5.99 -1.60 4.16
C GLU A 62 4.50 -1.84 4.07
N THR A 63 3.93 -1.70 2.87
CA THR A 63 2.50 -1.93 2.71
C THR A 63 2.13 -3.37 3.05
N THR A 64 3.02 -4.30 2.72
CA THR A 64 2.75 -5.70 3.05
C THR A 64 2.64 -5.91 4.56
N THR A 65 3.39 -5.14 5.34
CA THR A 65 3.30 -5.28 6.79
C THR A 65 1.88 -4.95 7.27
N TYR A 66 1.28 -3.89 6.74
CA TYR A 66 -0.10 -3.57 7.09
C TYR A 66 -1.05 -4.70 6.72
N MET A 67 -0.81 -5.32 5.57
CA MET A 67 -1.74 -6.36 5.09
C MET A 67 -1.67 -7.61 5.94
N MET A 68 -0.47 -7.96 6.43
CA MET A 68 -0.33 -9.18 7.21
C MET A 68 -1.04 -9.08 8.56
N ASN A 69 -1.00 -7.89 9.19
CA ASN A 69 -1.72 -7.67 10.43
C ASN A 69 -3.22 -7.79 10.22
N LEU A 70 -3.69 -7.35 9.07
CA LEU A 70 -5.10 -7.47 8.75
C LEU A 70 -5.52 -8.93 8.64
N VAL A 71 -4.65 -9.77 8.07
CA VAL A 71 -4.96 -11.19 7.93
C VAL A 71 -5.09 -11.84 9.30
N VAL A 72 -4.20 -11.49 10.23
CA VAL A 72 -4.23 -12.11 11.55
C VAL A 72 -5.54 -11.78 12.27
N SER A 73 -5.92 -10.50 12.30
CA SER A 73 -7.16 -10.11 12.96
C SER A 73 -8.35 -10.83 12.34
N ASP A 74 -8.36 -10.95 11.00
CA ASP A 74 -9.48 -11.62 10.36
C ASP A 74 -9.48 -13.11 10.69
N LEU A 75 -8.30 -13.73 10.74
CA LEU A 75 -8.20 -15.16 11.02
C LEU A 75 -8.74 -15.47 12.41
N LEU A 76 -8.29 -14.71 13.43
CA LEU A 76 -8.76 -14.95 14.78
C LEU A 76 -10.28 -14.85 14.87
N PHE A 77 -10.85 -13.83 14.23
CA PHE A 77 -12.30 -13.69 14.22
C PHE A 77 -12.97 -14.80 13.41
N VAL A 78 -12.33 -15.24 12.33
CA VAL A 78 -12.86 -16.36 11.56
C VAL A 78 -12.90 -17.62 12.42
N LEU A 79 -11.88 -17.83 13.25
CA LEU A 79 -11.85 -19.02 14.09
C LEU A 79 -12.98 -19.02 15.12
N THR A 80 -13.45 -17.83 15.52
CA THR A 80 -14.56 -17.75 16.46
C THR A 80 -15.92 -17.96 15.80
N LEU A 81 -15.97 -17.97 14.46
CA LEU A 81 -17.25 -18.11 13.76
C LEU A 81 -17.92 -19.45 13.98
N PRO A 82 -17.24 -20.61 13.91
CA PRO A 82 -17.96 -21.87 14.13
C PRO A 82 -18.63 -21.94 15.49
N LEU A 83 -17.98 -21.40 16.52
CA LEU A 83 -18.56 -21.50 17.86
C LEU A 83 -19.85 -20.70 17.96
N ARG A 84 -19.86 -19.53 17.32
CA ARG A 84 -21.11 -18.78 17.23
C ARG A 84 -22.18 -19.60 16.52
N VAL A 85 -21.85 -20.11 15.32
CA VAL A 85 -22.79 -20.95 14.58
C VAL A 85 -23.40 -22.02 15.48
N PHE A 86 -22.54 -22.93 15.97
CA PHE A 86 -22.93 -23.94 16.94
C PHE A 86 -23.91 -23.41 17.98
N TYR A 87 -23.59 -22.25 18.56
CA TYR A 87 -24.44 -21.66 19.59
C TYR A 87 -25.85 -21.36 19.06
N PHE A 88 -25.99 -21.10 17.77
CA PHE A 88 -27.34 -20.84 17.24
C PHE A 88 -28.06 -22.13 16.87
N VAL A 89 -27.36 -23.09 16.24
CA VAL A 89 -28.04 -24.31 15.82
C VAL A 89 -28.44 -25.17 17.02
N GLN A 90 -27.61 -25.19 18.05
CA GLN A 90 -27.87 -26.04 19.20
C GLN A 90 -28.42 -25.28 20.40
N GLN A 91 -28.48 -23.95 20.33
CA GLN A 91 -28.95 -23.12 21.45
C GLN A 91 -28.28 -23.54 22.76
N ASN A 92 -26.96 -23.73 22.69
CA ASN A 92 -26.17 -24.10 23.86
C ASN A 92 -24.73 -23.68 23.62
N TRP A 93 -24.05 -23.32 24.71
CA TRP A 93 -22.67 -22.84 24.67
C TRP A 93 -21.83 -23.74 25.57
N PRO A 94 -21.50 -24.95 25.10
CA PRO A 94 -20.72 -25.87 25.93
C PRO A 94 -19.27 -25.44 26.17
N PHE A 95 -18.88 -24.26 25.71
CA PHE A 95 -17.52 -23.78 25.80
C PHE A 95 -17.29 -23.00 27.10
N GLY A 96 -16.04 -22.69 27.38
CA GLY A 96 -15.68 -22.03 28.63
C GLY A 96 -16.12 -20.57 28.68
N SER A 97 -15.95 -19.97 29.86
CA SER A 97 -16.28 -18.56 30.03
C SER A 97 -15.30 -17.65 29.31
N LEU A 98 -14.05 -18.10 29.15
CA LEU A 98 -13.08 -17.31 28.41
C LEU A 98 -13.48 -17.20 26.93
N LEU A 99 -13.90 -18.32 26.34
CA LEU A 99 -14.28 -18.31 24.93
C LEU A 99 -15.48 -17.39 24.70
N CYS A 100 -16.31 -17.22 25.73
CA CYS A 100 -17.49 -16.38 25.58
C CYS A 100 -17.12 -14.95 25.22
N LYS A 101 -16.38 -14.28 26.11
CA LYS A 101 -16.03 -12.88 25.87
C LYS A 101 -15.10 -12.72 24.68
N LEU A 102 -14.32 -13.76 24.37
CA LEU A 102 -13.48 -13.73 23.17
C LEU A 102 -14.33 -13.55 21.92
N SER A 103 -15.48 -14.21 21.85
CA SER A 103 -16.30 -14.14 20.66
C SER A 103 -16.84 -12.73 20.42
N VAL A 104 -17.32 -12.08 21.48
CA VAL A 104 -17.77 -10.70 21.34
C VAL A 104 -16.59 -9.76 21.19
N SER A 105 -15.52 -9.97 21.98
CA SER A 105 -14.38 -9.08 21.90
C SER A 105 -13.72 -9.15 20.53
N LEU A 106 -13.50 -10.36 20.01
CA LEU A 106 -12.78 -10.49 18.74
C LEU A 106 -13.59 -9.94 17.58
N PHE A 107 -14.92 -9.88 17.70
CA PHE A 107 -15.71 -9.27 16.65
C PHE A 107 -15.45 -7.76 16.58
N TYR A 108 -15.57 -7.07 17.71
CA TYR A 108 -15.28 -5.64 17.72
C TYR A 108 -13.80 -5.38 17.47
N THR A 109 -12.93 -6.29 17.96
CA THR A 109 -11.50 -6.21 17.64
C THR A 109 -11.27 -6.23 16.14
N ASN A 110 -11.75 -7.28 15.47
CA ASN A 110 -11.48 -7.43 14.05
C ASN A 110 -12.06 -6.27 13.24
N MET A 111 -13.27 -5.80 13.59
CA MET A 111 -13.89 -4.75 12.81
C MET A 111 -13.10 -3.45 12.87
N TYR A 112 -12.79 -2.99 14.08
CA TYR A 112 -12.10 -1.71 14.22
C TYR A 112 -10.65 -1.80 13.77
N GLY A 113 -9.99 -2.93 14.05
CA GLY A 113 -8.67 -3.14 13.51
C GLY A 113 -8.66 -3.14 11.99
N SER A 114 -9.69 -3.72 11.39
CA SER A 114 -9.78 -3.74 9.93
C SER A 114 -9.92 -2.33 9.37
N ILE A 115 -10.69 -1.48 10.04
CA ILE A 115 -10.86 -0.11 9.57
C ILE A 115 -9.53 0.63 9.59
N LEU A 116 -8.84 0.57 10.72
CA LEU A 116 -7.59 1.29 10.86
C LEU A 116 -6.54 0.76 9.89
N PHE A 117 -6.41 -0.56 9.77
CA PHE A 117 -5.42 -1.14 8.87
C PHE A 117 -5.69 -0.76 7.42
N LEU A 118 -6.95 -0.81 7.00
CA LEU A 118 -7.29 -0.38 5.65
C LEU A 118 -6.99 1.09 5.46
N THR A 119 -7.26 1.91 6.46
CA THR A 119 -6.93 3.33 6.37
C THR A 119 -5.43 3.53 6.25
N CYS A 120 -4.66 2.78 7.04
CA CYS A 120 -3.20 2.89 6.95
C CYS A 120 -2.70 2.49 5.57
N ILE A 121 -3.27 1.44 5.00
CA ILE A 121 -2.95 1.06 3.62
C ILE A 121 -3.22 2.23 2.69
N SER A 122 -4.38 2.88 2.85
CA SER A 122 -4.73 3.99 1.96
C SER A 122 -3.80 5.17 2.18
N VAL A 123 -3.40 5.42 3.43
CA VAL A 123 -2.47 6.50 3.71
C VAL A 123 -1.10 6.18 3.13
N ASP A 124 -0.66 4.92 3.26
CA ASP A 124 0.64 4.54 2.72
C ASP A 124 0.68 4.70 1.21
N ARG A 125 -0.37 4.26 0.51
CA ARG A 125 -0.37 4.44 -0.95
C ARG A 125 -0.47 5.91 -1.32
N PHE A 126 -1.25 6.69 -0.56
CA PHE A 126 -1.34 8.12 -0.84
C PHE A 126 0.02 8.79 -0.70
N LEU A 127 0.79 8.40 0.32
CA LEU A 127 2.13 8.95 0.48
C LEU A 127 3.05 8.51 -0.65
N ALA A 128 3.01 7.22 -1.00
CA ALA A 128 3.92 6.69 -2.00
C ALA A 128 3.71 7.32 -3.37
N ILE A 129 2.47 7.69 -3.69
CA ILE A 129 2.15 8.23 -5.02
C ILE A 129 2.26 9.75 -5.05
N VAL A 130 1.67 10.43 -4.07
CA VAL A 130 1.62 11.89 -4.14
C VAL A 130 2.94 12.50 -3.67
N TYR A 131 3.59 11.88 -2.69
CA TYR A 131 4.86 12.36 -2.16
C TYR A 131 5.88 11.22 -2.14
N PRO A 132 6.41 10.84 -3.29
CA PRO A 132 7.38 9.75 -3.31
C PRO A 132 8.76 10.15 -2.80
N PHE A 133 9.10 11.41 -3.06
N PHE A 133 9.21 11.38 -3.03
CA PHE A 133 10.38 12.02 -2.68
CA PHE A 133 10.51 11.71 -2.43
C PHE A 133 10.37 12.44 -1.22
C PHE A 133 10.41 12.42 -1.09
N ARG A 134 9.31 13.12 -0.79
CA ARG A 134 9.28 13.77 0.51
C ARG A 134 8.92 12.78 1.61
N SER A 135 8.09 11.79 1.29
CA SER A 135 7.67 10.77 2.23
C SER A 135 8.56 9.54 2.21
N ARG A 136 9.76 9.65 1.63
CA ARG A 136 10.70 8.52 1.61
C ARG A 136 11.09 8.09 3.01
N GLY A 137 11.25 9.06 3.92
CA GLY A 137 11.68 8.75 5.27
C GLY A 137 10.54 8.36 6.19
N LEU A 138 9.32 8.75 5.84
CA LEU A 138 8.18 8.41 6.68
C LEU A 138 7.84 6.93 6.59
N ARG A 139 7.73 6.40 5.37
CA ARG A 139 7.26 5.03 5.18
C ARG A 139 8.46 4.09 5.09
N THR A 140 8.59 3.22 6.09
CA THR A 140 9.60 2.18 6.13
C THR A 140 9.04 1.02 6.94
N LYS A 141 9.66 -0.16 6.81
CA LYS A 141 9.18 -1.32 7.54
C LYS A 141 9.24 -1.12 9.05
N ARG A 142 10.20 -0.35 9.54
CA ARG A 142 10.28 -0.11 10.97
C ARG A 142 9.08 0.72 11.45
N ASN A 143 8.76 1.79 10.72
CA ASN A 143 7.67 2.67 11.13
C ASN A 143 6.30 2.02 10.92
N ALA A 144 6.15 1.18 9.90
CA ALA A 144 4.88 0.50 9.70
C ALA A 144 4.58 -0.43 10.86
N LYS A 145 5.59 -1.17 11.33
CA LYS A 145 5.38 -2.07 12.46
C LYS A 145 4.93 -1.30 13.70
N ILE A 146 5.52 -0.13 13.94
CA ILE A 146 5.12 0.67 15.10
C ILE A 146 3.67 1.08 14.98
N VAL A 147 3.25 1.50 13.80
CA VAL A 147 1.84 1.83 13.60
C VAL A 147 0.98 0.61 13.84
N CYS A 148 1.39 -0.56 13.33
CA CYS A 148 0.62 -1.78 13.54
C CYS A 148 0.50 -2.11 15.03
N ALA A 149 1.61 -1.98 15.77
CA ALA A 149 1.52 -2.16 17.21
C ALA A 149 0.60 -1.13 17.85
N ALA A 150 0.58 0.09 17.32
CA ALA A 150 -0.30 1.12 17.86
C ALA A 150 -1.76 0.77 17.62
N VAL A 151 -2.08 0.28 16.43
CA VAL A 151 -3.45 -0.15 16.14
C VAL A 151 -3.83 -1.31 17.04
N TRP A 152 -2.94 -2.31 17.16
CA TRP A 152 -3.19 -3.46 18.03
C TRP A 152 -3.40 -3.03 19.48
N VAL A 153 -2.57 -2.09 19.96
CA VAL A 153 -2.70 -1.65 21.35
C VAL A 153 -4.08 -1.02 21.58
N LEU A 154 -4.45 -0.03 20.76
CA LEU A 154 -5.76 0.59 20.92
C LEU A 154 -6.88 -0.44 20.85
N VAL A 155 -6.87 -1.24 19.78
CA VAL A 155 -7.99 -2.12 19.51
C VAL A 155 -8.13 -3.17 20.61
N LEU A 156 -7.03 -3.84 20.96
CA LEU A 156 -7.11 -4.86 22.00
C LEU A 156 -7.43 -4.26 23.37
N SER A 157 -6.87 -3.09 23.68
CA SER A 157 -7.16 -2.47 24.97
C SER A 157 -8.59 -1.96 25.04
N GLY A 158 -9.16 -1.59 23.89
CA GLY A 158 -10.56 -1.20 23.89
C GLY A 158 -11.50 -2.39 23.93
N SER A 159 -11.17 -3.43 23.17
CA SER A 159 -12.10 -4.53 22.96
C SER A 159 -12.01 -5.61 24.04
N LEU A 160 -10.81 -5.98 24.49
CA LEU A 160 -10.73 -7.07 25.46
C LEU A 160 -11.37 -6.69 26.80
N PRO A 161 -11.07 -5.54 27.41
CA PRO A 161 -11.76 -5.18 28.67
C PRO A 161 -13.28 -5.14 28.58
N THR A 162 -13.84 -4.40 27.62
CA THR A 162 -15.30 -4.33 27.54
C THR A 162 -15.88 -5.71 27.29
N GLY A 163 -15.32 -6.46 26.36
CA GLY A 163 -15.84 -7.80 26.08
C GLY A 163 -15.77 -8.72 27.28
N PHE A 164 -14.75 -8.55 28.13
CA PHE A 164 -14.51 -9.51 29.22
C PHE A 164 -15.51 -9.33 30.36
N MET A 165 -15.88 -8.08 30.67
CA MET A 165 -16.77 -7.81 31.80
C MET A 165 -18.22 -7.63 31.41
N LEU A 166 -18.54 -7.47 30.13
CA LEU A 166 -19.93 -7.25 29.74
C LEU A 166 -20.64 -8.53 29.31
N ASN A 167 -19.91 -9.53 28.81
CA ASN A 167 -20.48 -10.79 28.36
C ASN A 167 -19.81 -11.94 29.12
N SER A 168 -20.63 -12.79 29.75
CA SER A 168 -20.13 -13.95 30.47
C SER A 168 -21.17 -15.07 30.43
N THR A 169 -20.73 -16.28 30.82
CA THR A 169 -21.52 -17.47 30.57
C THR A 169 -22.78 -17.51 31.42
N ASN A 170 -22.63 -17.26 32.72
CA ASN A 170 -23.67 -17.53 33.70
C ASN A 170 -24.87 -16.61 33.58
N LYS A 171 -25.44 -16.50 32.38
CA LYS A 171 -26.75 -15.88 32.24
C LYS A 171 -27.83 -16.83 32.74
N LEU A 172 -27.64 -18.13 32.52
CA LEU A 172 -28.50 -19.14 33.12
C LEU A 172 -27.63 -20.27 33.67
N GLU A 173 -26.97 -21.00 32.77
CA GLU A 173 -26.07 -22.10 33.14
C GLU A 173 -26.78 -23.18 33.95
N ASN A 174 -28.09 -23.31 33.74
CA ASN A 174 -28.92 -24.33 34.38
C ASN A 174 -29.65 -25.09 33.27
N ASN A 175 -28.98 -26.11 32.72
CA ASN A 175 -29.40 -26.92 31.57
C ASN A 175 -29.46 -26.09 30.30
N SER A 176 -29.16 -24.79 30.41
CA SER A 176 -29.00 -23.90 29.27
C SER A 176 -27.94 -22.86 29.61
N ILE A 177 -26.90 -22.79 28.78
CA ILE A 177 -25.82 -21.83 28.94
C ILE A 177 -25.90 -20.84 27.78
N SER A 178 -25.71 -19.55 28.10
CA SER A 178 -26.06 -18.47 27.19
C SER A 178 -24.86 -17.76 26.59
N CYS A 179 -23.80 -17.54 27.36
CA CYS A 179 -22.67 -16.73 26.91
C CYS A 179 -23.16 -15.37 26.44
N PHE A 180 -23.75 -14.63 27.37
CA PHE A 180 -24.36 -13.35 27.04
C PHE A 180 -24.67 -12.51 28.28
N GLU A 187 -31.56 0.75 32.78
CA GLU A 187 -30.64 0.10 31.84
C GLU A 187 -29.31 0.85 31.74
N TRP A 188 -28.25 0.14 31.37
CA TRP A 188 -26.96 0.76 31.12
C TRP A 188 -26.83 1.35 29.72
N LYS A 189 -27.84 1.19 28.87
CA LYS A 189 -27.74 1.66 27.49
C LYS A 189 -27.60 3.18 27.42
N SER A 190 -28.34 3.90 28.27
CA SER A 190 -28.20 5.35 28.32
C SER A 190 -26.77 5.74 28.67
N HIS A 191 -26.17 5.06 29.64
CA HIS A 191 -24.79 5.34 30.02
C HIS A 191 -23.80 4.81 28.99
N LEU A 192 -24.09 3.63 28.41
CA LEU A 192 -23.13 2.97 27.54
C LEU A 192 -23.23 3.39 26.08
N SER A 193 -24.31 4.04 25.67
CA SER A 193 -24.38 4.55 24.31
C SER A 193 -23.55 5.80 24.12
N LYS A 194 -23.29 6.54 25.19
CA LYS A 194 -22.44 7.74 25.07
C LYS A 194 -21.01 7.37 24.69
N VAL A 195 -20.48 6.29 25.26
CA VAL A 195 -19.14 5.85 24.88
C VAL A 195 -19.16 5.21 23.49
N VAL A 196 -20.28 4.55 23.13
CA VAL A 196 -20.39 3.99 21.78
C VAL A 196 -20.31 5.08 20.72
N ILE A 197 -20.95 6.23 20.98
CA ILE A 197 -20.93 7.32 20.02
C ILE A 197 -19.50 7.81 19.81
N PHE A 198 -18.74 7.96 20.90
CA PHE A 198 -17.36 8.44 20.78
C PHE A 198 -16.53 7.51 19.90
N ILE A 199 -16.40 6.24 20.30
CA ILE A 199 -15.57 5.29 19.56
C ILE A 199 -16.05 5.15 18.12
N GLU A 200 -17.37 5.21 17.91
CA GLU A 200 -17.90 5.15 16.55
C GLU A 200 -17.63 6.44 15.79
N THR A 201 -17.47 7.55 16.50
CA THR A 201 -17.29 8.82 15.81
C THR A 201 -15.85 8.98 15.32
N VAL A 202 -14.88 8.69 16.18
CA VAL A 202 -13.47 8.90 15.83
C VAL A 202 -12.89 7.61 15.26
N GLY A 203 -13.30 6.47 15.81
CA GLY A 203 -12.80 5.20 15.31
C GLY A 203 -13.28 4.88 13.90
N PHE A 204 -14.36 5.50 13.44
CA PHE A 204 -14.91 5.19 12.13
C PHE A 204 -14.98 6.38 11.19
N LEU A 205 -15.52 7.51 11.65
CA LEU A 205 -15.74 8.63 10.73
C LEU A 205 -14.42 9.30 10.35
N ILE A 206 -13.50 9.45 11.30
CA ILE A 206 -12.19 10.02 10.98
C ILE A 206 -11.44 9.15 9.98
N PRO A 207 -11.37 7.81 10.13
CA PRO A 207 -10.74 7.01 9.06
C PRO A 207 -11.46 7.10 7.74
N LEU A 208 -12.79 7.00 7.74
CA LEU A 208 -13.54 7.11 6.49
C LEU A 208 -13.20 8.39 5.75
N MET A 209 -13.25 9.52 6.45
CA MET A 209 -12.96 10.81 5.80
C MET A 209 -11.51 10.87 5.36
N LEU A 210 -10.61 10.27 6.14
CA LEU A 210 -9.20 10.23 5.77
C LEU A 210 -9.01 9.42 4.49
N ASN A 211 -9.73 8.31 4.35
CA ASN A 211 -9.63 7.48 3.16
C ASN A 211 -10.15 8.21 1.93
N VAL A 212 -11.28 8.91 2.08
CA VAL A 212 -11.83 9.69 0.97
C VAL A 212 -10.83 10.73 0.51
N VAL A 213 -10.26 11.48 1.45
CA VAL A 213 -9.32 12.54 1.10
C VAL A 213 -8.10 11.98 0.39
N CYS A 214 -7.41 11.02 1.02
CA CYS A 214 -6.25 10.41 0.40
C CYS A 214 -6.59 9.88 -0.98
N SER A 215 -7.66 9.09 -1.08
CA SER A 215 -8.07 8.58 -2.38
C SER A 215 -8.35 9.72 -3.35
N ALA A 216 -8.99 10.79 -2.86
CA ALA A 216 -9.32 11.91 -3.74
C ALA A 216 -8.06 12.60 -4.26
N MET A 217 -7.07 12.80 -3.39
CA MET A 217 -5.86 13.51 -3.81
C MET A 217 -5.01 12.65 -4.73
N VAL A 218 -5.00 11.33 -4.50
CA VAL A 218 -4.30 10.43 -5.42
C VAL A 218 -4.89 10.55 -6.83
N LEU A 219 -6.21 10.62 -6.93
CA LEU A 219 -6.85 10.75 -8.24
C LEU A 219 -6.60 12.11 -8.86
N GLN A 220 -6.48 13.17 -8.04
CA GLN A 220 -6.16 14.48 -8.58
C GLN A 220 -4.79 14.49 -9.24
N THR A 221 -3.81 13.82 -8.62
CA THR A 221 -2.47 13.77 -9.22
C THR A 221 -2.47 12.97 -10.52
N LEU A 222 -3.33 11.96 -10.64
CA LEU A 222 -3.42 11.24 -11.90
C LEU A 222 -3.90 12.15 -13.04
N ARG A 223 -4.75 13.12 -12.71
CA ARG A 223 -5.20 14.06 -13.73
C ARG A 223 -4.08 14.99 -14.17
N ARG A 224 -3.13 15.29 -13.28
CA ARG A 224 -2.09 16.26 -13.58
C ARG A 224 -1.25 15.79 -14.78
N PRO A 225 -0.89 16.68 -15.69
CA PRO A 225 -0.17 16.26 -16.89
C PRO A 225 1.31 16.04 -16.62
N ASN A 226 1.92 15.26 -17.53
CA ASN A 226 3.35 14.97 -17.48
C ASN A 226 3.78 14.52 -16.09
N THR A 227 3.00 13.60 -15.52
CA THR A 227 3.25 13.16 -14.15
C THR A 227 4.62 12.54 -14.00
N VAL A 228 5.08 11.82 -15.02
CA VAL A 228 6.35 11.10 -14.99
C VAL A 228 7.20 11.59 -16.14
N ASN A 229 8.47 11.89 -15.86
CA ASN A 229 9.42 12.34 -16.85
C ASN A 229 10.73 11.62 -16.61
N ILE A 230 11.71 11.87 -17.49
CA ILE A 230 12.96 11.13 -17.46
C ILE A 230 13.68 11.33 -16.13
N PHE A 231 13.54 12.50 -15.51
CA PHE A 231 14.15 12.70 -14.19
C PHE A 231 13.48 11.82 -13.15
N GLU A 232 12.15 11.81 -13.11
CA GLU A 232 11.45 10.95 -12.17
C GLU A 232 11.74 9.48 -12.45
N MET A 233 11.89 9.13 -13.73
CA MET A 233 12.26 7.77 -14.12
C MET A 233 13.63 7.40 -13.57
N LEU A 234 14.60 8.32 -13.68
CA LEU A 234 15.93 8.05 -13.16
C LEU A 234 15.93 8.00 -11.64
N ARG A 235 15.06 8.80 -11.00
CA ARG A 235 14.94 8.75 -9.54
C ARG A 235 14.43 7.38 -9.09
N ILE A 236 13.45 6.83 -9.80
CA ILE A 236 12.93 5.50 -9.46
C ILE A 236 14.01 4.45 -9.62
N ASP A 237 14.75 4.50 -10.74
CA ASP A 237 15.68 3.43 -11.10
C ASP A 237 17.01 3.54 -10.36
N ASN A 238 17.52 4.76 -10.22
CA ASN A 238 18.83 5.00 -9.62
C ASN A 238 18.73 5.44 -8.17
N GLY A 239 17.88 6.43 -7.89
CA GLY A 239 17.78 7.02 -6.57
C GLY A 239 18.31 8.44 -6.57
N LEU A 240 17.72 9.26 -5.70
CA LEU A 240 18.09 10.66 -5.56
C LEU A 240 18.67 10.89 -4.18
N ARG A 241 19.92 11.33 -4.13
CA ARG A 241 20.60 11.60 -2.88
C ARG A 241 21.03 13.05 -2.86
N LEU A 242 20.47 13.81 -1.92
CA LEU A 242 20.71 15.26 -1.83
C LEU A 242 21.91 15.61 -0.97
N LYS A 243 22.66 14.63 -0.49
CA LYS A 243 23.91 14.86 0.19
C LYS A 243 25.03 14.15 -0.56
N ILE A 244 26.24 14.68 -0.45
CA ILE A 244 27.37 14.09 -1.17
C ILE A 244 27.56 12.65 -0.71
N TYR A 245 27.69 11.73 -1.67
CA TYR A 245 27.77 10.31 -1.37
C TYR A 245 28.82 9.66 -2.24
N LYS A 246 29.16 8.42 -1.91
CA LYS A 246 30.22 7.68 -2.58
C LYS A 246 29.62 6.71 -3.61
N ASN A 247 30.21 6.70 -4.80
CA ASN A 247 29.70 5.95 -5.95
C ASN A 247 29.92 4.44 -5.75
N THR A 248 29.43 3.67 -6.73
CA THR A 248 29.80 2.25 -6.82
C THR A 248 31.26 2.11 -7.25
N GLU A 249 31.73 3.00 -8.12
CA GLU A 249 33.12 3.01 -8.53
C GLU A 249 34.03 3.72 -7.53
N GLY A 250 33.49 4.15 -6.39
CA GLY A 250 34.28 4.83 -5.38
C GLY A 250 34.41 6.32 -5.54
N TYR A 251 33.84 6.89 -6.61
CA TYR A 251 33.94 8.31 -6.87
C TYR A 251 32.90 9.07 -6.04
N TYR A 252 33.07 10.39 -5.96
CA TYR A 252 32.17 11.25 -5.19
C TYR A 252 31.13 11.85 -6.12
N THR A 253 29.85 11.54 -5.85
CA THR A 253 28.75 12.02 -6.68
C THR A 253 27.67 12.64 -5.79
N ILE A 254 26.73 13.33 -6.43
CA ILE A 254 25.59 13.92 -5.75
C ILE A 254 24.42 13.91 -6.72
N GLY A 255 23.21 14.04 -6.17
CA GLY A 255 22.03 13.98 -7.03
C GLY A 255 21.88 12.60 -7.63
N ILE A 256 21.50 12.57 -8.91
CA ILE A 256 21.32 11.33 -9.64
C ILE A 256 22.53 11.16 -10.55
N GLY A 257 23.54 10.44 -10.07
CA GLY A 257 24.63 10.01 -10.91
C GLY A 257 25.52 11.11 -11.42
N HIS A 258 25.50 12.28 -10.78
CA HIS A 258 26.33 13.41 -11.16
C HIS A 258 27.53 13.43 -10.23
N LEU A 259 28.73 13.17 -10.78
CA LEU A 259 29.93 13.04 -9.98
C LEU A 259 30.69 14.36 -9.94
N LEU A 260 31.19 14.71 -8.76
CA LEU A 260 31.85 15.99 -8.55
C LEU A 260 33.34 15.91 -8.87
N THR A 261 34.02 14.88 -8.35
CA THR A 261 35.44 14.74 -8.57
C THR A 261 35.80 13.25 -8.51
N LYS A 262 36.86 12.90 -9.23
CA LYS A 262 37.40 11.55 -9.19
C LYS A 262 38.46 11.37 -8.12
N SER A 263 38.87 12.45 -7.48
CA SER A 263 39.89 12.40 -6.44
C SER A 263 39.31 11.83 -5.14
N PRO A 264 40.09 11.01 -4.43
CA PRO A 264 39.64 10.47 -3.15
C PRO A 264 39.58 11.48 -2.01
N SER A 265 39.73 12.76 -2.27
CA SER A 265 39.68 13.77 -1.21
C SER A 265 38.27 14.39 -1.20
N LEU A 266 37.54 14.19 -0.11
CA LEU A 266 36.19 14.74 -0.03
C LEU A 266 36.22 16.25 0.15
N ASN A 267 37.26 16.78 0.79
CA ASN A 267 37.38 18.24 0.93
C ASN A 267 37.48 18.90 -0.44
N ALA A 268 38.20 18.28 -1.37
CA ALA A 268 38.22 18.78 -2.74
C ALA A 268 36.86 18.62 -3.41
N ALA A 269 36.19 17.50 -3.16
CA ALA A 269 34.88 17.27 -3.79
C ALA A 269 33.86 18.30 -3.35
N LYS A 270 33.91 18.72 -2.08
CA LYS A 270 32.97 19.73 -1.62
C LYS A 270 33.15 21.04 -2.38
N SER A 271 34.40 21.44 -2.61
CA SER A 271 34.65 22.70 -3.32
C SER A 271 34.16 22.65 -4.76
N GLU A 272 34.24 21.48 -5.40
CA GLU A 272 33.79 21.35 -6.78
C GLU A 272 32.29 21.57 -6.90
N LEU A 273 31.51 21.04 -5.93
CA LEU A 273 30.06 21.21 -5.98
C LEU A 273 29.66 22.69 -5.87
N ASP A 274 30.39 23.46 -5.07
CA ASP A 274 30.11 24.88 -4.95
C ASP A 274 30.29 25.62 -6.26
N LYS A 275 31.22 25.17 -7.11
CA LYS A 275 31.36 25.80 -8.42
C LYS A 275 30.08 25.67 -9.23
N ALA A 276 29.46 24.49 -9.21
CA ALA A 276 28.25 24.25 -10.00
C ALA A 276 27.02 24.86 -9.34
N ILE A 277 26.87 24.68 -8.04
CA ILE A 277 25.70 25.22 -7.35
C ILE A 277 25.87 26.71 -7.09
N GLY A 278 27.01 27.11 -6.54
CA GLY A 278 27.34 28.50 -6.35
C GLY A 278 27.07 29.07 -4.97
N ARG A 279 26.45 28.31 -4.08
CA ARG A 279 25.85 28.90 -2.89
C ARG A 279 26.45 28.39 -1.58
N ASN A 280 27.71 27.95 -1.61
CA ASN A 280 28.39 27.43 -0.42
C ASN A 280 27.52 26.37 0.27
N THR A 281 27.27 25.30 -0.49
CA THR A 281 26.24 24.33 -0.12
C THR A 281 26.53 23.65 1.21
N ASN A 282 27.80 23.44 1.55
CA ASN A 282 28.21 22.63 2.69
C ASN A 282 27.70 21.19 2.55
N GLY A 283 27.51 20.73 1.31
CA GLY A 283 27.33 19.33 1.02
C GLY A 283 25.92 18.89 0.71
N VAL A 284 24.92 19.77 0.87
CA VAL A 284 23.52 19.40 0.68
C VAL A 284 22.87 20.37 -0.30
N ILE A 285 21.91 19.87 -1.07
CA ILE A 285 21.24 20.62 -2.11
C ILE A 285 19.77 20.22 -2.15
N THR A 286 18.94 21.12 -2.69
CA THR A 286 17.54 20.80 -2.89
C THR A 286 17.36 19.87 -4.08
N LYS A 287 16.17 19.27 -4.16
CA LYS A 287 15.88 18.40 -5.30
C LYS A 287 15.89 19.20 -6.60
N ASP A 288 15.53 20.49 -6.53
CA ASP A 288 15.55 21.33 -7.71
C ASP A 288 16.96 21.52 -8.23
N GLU A 289 17.93 21.75 -7.32
CA GLU A 289 19.32 21.79 -7.72
C GLU A 289 19.74 20.46 -8.35
N ALA A 290 19.34 19.35 -7.74
CA ALA A 290 19.64 18.04 -8.32
C ALA A 290 18.96 17.87 -9.68
N GLU A 291 17.74 18.39 -9.83
CA GLU A 291 17.11 18.41 -11.15
C GLU A 291 17.97 19.16 -12.15
N LYS A 292 18.42 20.36 -11.76
CA LYS A 292 19.23 21.19 -12.63
C LYS A 292 20.50 20.47 -13.06
N LEU A 293 21.21 19.85 -12.11
CA LEU A 293 22.40 19.09 -12.47
C LEU A 293 22.06 17.89 -13.33
N PHE A 294 20.92 17.25 -13.07
CA PHE A 294 20.50 16.12 -13.87
C PHE A 294 20.28 16.52 -15.32
N ASN A 295 19.67 17.68 -15.53
CA ASN A 295 19.44 18.15 -16.89
C ASN A 295 20.75 18.42 -17.61
N GLN A 296 21.74 18.97 -16.91
CA GLN A 296 23.08 19.11 -17.49
C GLN A 296 23.65 17.75 -17.86
N ASP A 297 23.55 16.78 -16.95
CA ASP A 297 23.99 15.42 -17.24
C ASP A 297 23.27 14.86 -18.45
N VAL A 298 21.95 15.04 -18.52
CA VAL A 298 21.19 14.48 -19.63
C VAL A 298 21.62 15.09 -20.95
N ASP A 299 21.79 16.41 -20.98
CA ASP A 299 22.20 17.08 -22.22
C ASP A 299 23.56 16.57 -22.69
N ALA A 300 24.53 16.49 -21.78
CA ALA A 300 25.83 15.94 -22.12
C ALA A 300 25.73 14.48 -22.56
N ALA A 301 24.86 13.71 -21.89
CA ALA A 301 24.66 12.32 -22.28
C ALA A 301 24.06 12.21 -23.67
N VAL A 302 23.11 13.10 -23.99
CA VAL A 302 22.49 13.09 -25.31
C VAL A 302 23.51 13.52 -26.37
N ARG A 303 24.35 14.49 -26.05
CA ARG A 303 25.46 14.80 -26.95
C ARG A 303 26.36 13.59 -27.13
N GLY A 304 26.69 12.92 -26.03
CA GLY A 304 27.54 11.74 -26.12
C GLY A 304 26.93 10.66 -27.00
N ILE A 305 25.60 10.50 -26.94
CA ILE A 305 24.93 9.54 -27.82
C ILE A 305 25.12 9.95 -29.27
N LEU A 306 24.94 11.23 -29.58
CA LEU A 306 24.97 11.67 -30.97
C LEU A 306 26.39 11.60 -31.54
N ARG A 307 27.40 11.88 -30.72
CA ARG A 307 28.78 11.79 -31.19
C ARG A 307 29.16 10.34 -31.48
N ASN A 308 28.78 9.41 -30.62
CA ASN A 308 28.99 8.00 -30.92
C ASN A 308 28.19 7.61 -32.15
N ALA A 309 28.86 6.94 -33.10
CA ALA A 309 28.22 6.65 -34.38
C ALA A 309 27.23 5.50 -34.31
N LYS A 310 27.37 4.58 -33.35
CA LYS A 310 26.47 3.43 -33.30
C LYS A 310 25.11 3.82 -32.74
N LEU A 311 25.08 4.72 -31.77
CA LEU A 311 23.83 5.03 -31.09
C LEU A 311 22.99 6.05 -31.85
N LYS A 312 23.62 6.97 -32.57
CA LYS A 312 22.88 8.05 -33.22
C LYS A 312 21.78 7.55 -34.15
N PRO A 313 21.98 6.53 -34.99
CA PRO A 313 20.85 6.05 -35.81
C PRO A 313 19.68 5.55 -34.98
N VAL A 314 19.97 4.81 -33.91
CA VAL A 314 18.91 4.33 -33.03
C VAL A 314 18.24 5.50 -32.33
N TYR A 315 19.04 6.41 -31.77
CA TYR A 315 18.48 7.52 -31.02
C TYR A 315 17.52 8.34 -31.88
N ASP A 316 17.91 8.64 -33.11
CA ASP A 316 17.05 9.44 -33.99
C ASP A 316 15.81 8.68 -34.41
N SER A 317 15.82 7.35 -34.30
CA SER A 317 14.66 6.56 -34.71
C SER A 317 13.61 6.47 -33.61
N LEU A 318 14.02 6.63 -32.36
CA LEU A 318 13.15 6.43 -31.22
C LEU A 318 12.40 7.69 -30.83
N ASP A 319 11.20 7.48 -30.27
CA ASP A 319 10.41 8.59 -29.75
C ASP A 319 10.93 9.02 -28.39
N ALA A 320 10.32 10.09 -27.86
CA ALA A 320 10.85 10.74 -26.68
C ALA A 320 10.81 9.83 -25.46
N VAL A 321 9.79 8.97 -25.37
CA VAL A 321 9.72 8.00 -24.29
C VAL A 321 10.85 6.99 -24.40
N ARG A 322 10.99 6.38 -25.59
CA ARG A 322 12.02 5.37 -25.77
C ARG A 322 13.42 6.00 -25.78
N ARG A 323 13.53 7.26 -26.17
CA ARG A 323 14.81 7.94 -26.01
C ARG A 323 15.17 8.09 -24.54
N ALA A 324 14.17 8.28 -23.66
CA ALA A 324 14.45 8.36 -22.23
C ALA A 324 14.94 7.02 -21.69
N ALA A 325 14.33 5.92 -22.15
CA ALA A 325 14.84 4.60 -21.80
C ALA A 325 16.25 4.39 -22.34
N LEU A 326 16.53 4.89 -23.54
CA LEU A 326 17.87 4.78 -24.09
C LEU A 326 18.88 5.50 -23.20
N ILE A 327 18.55 6.73 -22.78
CA ILE A 327 19.45 7.49 -21.91
C ILE A 327 19.57 6.82 -20.55
N ASN A 328 18.51 6.14 -20.12
CA ASN A 328 18.59 5.39 -18.87
C ASN A 328 19.70 4.34 -18.94
N MET A 329 19.71 3.54 -20.01
CA MET A 329 20.78 2.54 -20.17
C MET A 329 22.14 3.22 -20.19
N VAL A 330 22.26 4.31 -20.95
CA VAL A 330 23.53 5.03 -21.06
C VAL A 330 24.02 5.51 -19.70
N PHE A 331 23.09 5.94 -18.84
CA PHE A 331 23.47 6.40 -17.52
C PHE A 331 24.08 5.28 -16.68
N GLN A 332 23.56 4.07 -16.84
CA GLN A 332 24.06 2.95 -16.04
C GLN A 332 25.41 2.43 -16.55
N MET A 333 25.58 2.33 -17.87
CA MET A 333 26.76 1.69 -18.42
C MET A 333 27.63 2.58 -19.29
N GLY A 334 27.19 3.77 -19.65
CA GLY A 334 27.91 4.59 -20.58
C GLY A 334 27.58 4.23 -22.02
N GLU A 335 27.88 5.17 -22.91
CA GLU A 335 27.56 4.96 -24.33
C GLU A 335 28.34 3.79 -24.91
N THR A 336 29.60 3.64 -24.49
CA THR A 336 30.41 2.51 -24.97
C THR A 336 29.83 1.17 -24.54
N GLY A 337 29.24 1.13 -23.35
CA GLY A 337 28.62 -0.11 -22.90
C GLY A 337 27.31 -0.39 -23.60
N VAL A 338 26.49 0.64 -23.80
CA VAL A 338 25.24 0.48 -24.53
C VAL A 338 25.51 0.06 -25.97
N ALA A 339 26.63 0.50 -26.54
CA ALA A 339 26.95 0.14 -27.92
C ALA A 339 27.13 -1.36 -28.09
N GLY A 340 27.38 -2.09 -26.99
CA GLY A 340 27.60 -3.52 -27.09
C GLY A 340 26.38 -4.30 -27.52
N PHE A 341 25.19 -3.72 -27.35
CA PHE A 341 23.93 -4.40 -27.69
C PHE A 341 23.60 -4.23 -29.17
N THR A 342 24.56 -4.60 -30.03
CA THR A 342 24.39 -4.40 -31.46
C THR A 342 23.14 -5.10 -31.97
N ASN A 343 22.95 -6.36 -31.55
CA ASN A 343 21.75 -7.09 -31.91
C ASN A 343 20.49 -6.32 -31.53
N SER A 344 20.38 -5.91 -30.28
CA SER A 344 19.13 -5.33 -29.80
C SER A 344 18.86 -3.95 -30.41
N LEU A 345 19.89 -3.12 -30.53
CA LEU A 345 19.67 -1.78 -31.06
C LEU A 345 19.17 -1.82 -32.49
N ARG A 346 19.74 -2.71 -33.32
CA ARG A 346 19.28 -2.85 -34.69
C ARG A 346 17.80 -3.19 -34.74
N MET A 347 17.35 -4.01 -33.81
CA MET A 347 15.93 -4.34 -33.78
C MET A 347 15.09 -3.20 -33.23
N LEU A 348 15.65 -2.42 -32.30
CA LEU A 348 14.97 -1.21 -31.87
C LEU A 348 14.87 -0.21 -33.01
N GLN A 349 15.91 -0.13 -33.84
CA GLN A 349 15.87 0.75 -34.99
C GLN A 349 14.86 0.26 -36.02
N GLN A 350 14.63 -1.06 -36.09
CA GLN A 350 13.70 -1.66 -37.04
C GLN A 350 12.25 -1.67 -36.56
N LYS A 351 11.95 -1.10 -35.38
CA LYS A 351 10.61 -1.08 -34.80
C LYS A 351 10.13 -2.46 -34.35
N ARG A 352 11.07 -3.38 -34.10
CA ARG A 352 10.75 -4.72 -33.62
C ARG A 352 10.84 -4.70 -32.09
N TRP A 353 9.82 -4.11 -31.47
CA TRP A 353 9.87 -3.84 -30.04
C TRP A 353 9.92 -5.13 -29.23
N ASP A 354 8.92 -6.00 -29.43
CA ASP A 354 8.84 -7.25 -28.67
C ASP A 354 10.10 -8.08 -28.85
N GLU A 355 10.56 -8.23 -30.10
CA GLU A 355 11.80 -8.92 -30.34
C GLU A 355 12.95 -8.28 -29.57
N ALA A 356 13.07 -6.95 -29.65
CA ALA A 356 14.17 -6.27 -28.99
C ALA A 356 14.09 -6.42 -27.48
N ALA A 357 12.88 -6.40 -26.93
CA ALA A 357 12.72 -6.58 -25.50
C ALA A 357 13.19 -7.96 -25.06
N VAL A 358 13.05 -8.96 -25.93
CA VAL A 358 13.46 -10.32 -25.58
C VAL A 358 14.97 -10.43 -25.53
N ASN A 359 15.67 -9.84 -26.50
CA ASN A 359 17.14 -9.87 -26.48
C ASN A 359 17.68 -9.12 -25.28
N LEU A 360 17.10 -7.96 -24.97
CA LEU A 360 17.54 -7.22 -23.79
C LEU A 360 17.22 -7.98 -22.51
N ALA A 361 16.25 -8.90 -22.55
CA ALA A 361 15.85 -9.65 -21.36
C ALA A 361 16.89 -10.67 -20.94
N LYS A 362 17.86 -10.98 -21.80
CA LYS A 362 18.96 -11.89 -21.49
C LYS A 362 20.27 -11.14 -21.71
N SER A 363 20.86 -10.65 -20.62
CA SER A 363 22.15 -9.97 -20.65
C SER A 363 22.71 -9.89 -19.24
N ARG A 364 24.00 -9.58 -19.15
CA ARG A 364 24.61 -9.37 -17.84
C ARG A 364 24.00 -8.16 -17.12
N TRP A 365 23.61 -7.14 -17.88
CA TRP A 365 22.92 -5.98 -17.31
C TRP A 365 21.64 -6.38 -16.61
N TYR A 366 20.90 -7.31 -17.20
CA TYR A 366 19.59 -7.66 -16.68
C TYR A 366 19.68 -8.42 -15.36
N ASN A 367 20.77 -9.16 -15.16
CA ASN A 367 20.88 -9.99 -13.96
C ASN A 367 21.20 -9.16 -12.72
N GLN A 368 22.11 -8.19 -12.84
CA GLN A 368 22.45 -7.36 -11.70
C GLN A 368 21.27 -6.52 -11.25
N THR A 369 20.55 -5.91 -12.18
CA THR A 369 19.48 -4.97 -11.87
C THR A 369 18.21 -5.40 -12.60
N PRO A 370 17.53 -6.44 -12.13
CA PRO A 370 16.41 -6.97 -12.91
C PRO A 370 15.17 -6.10 -12.88
N ASN A 371 14.91 -5.42 -11.76
CA ASN A 371 13.74 -4.53 -11.69
C ASN A 371 13.94 -3.28 -12.54
N ARG A 372 15.13 -2.68 -12.44
CA ARG A 372 15.41 -1.52 -13.28
C ARG A 372 15.42 -1.90 -14.75
N ALA A 373 16.02 -3.04 -15.09
CA ALA A 373 16.05 -3.47 -16.49
C ALA A 373 14.66 -3.79 -17.00
N LYS A 374 13.86 -4.50 -16.20
CA LYS A 374 12.51 -4.85 -16.62
C LYS A 374 11.68 -3.60 -16.92
N ARG A 375 11.84 -2.57 -16.11
CA ARG A 375 11.05 -1.36 -16.30
C ARG A 375 11.52 -0.58 -17.52
N VAL A 376 12.84 -0.52 -17.73
CA VAL A 376 13.40 0.11 -18.92
C VAL A 376 13.01 -0.68 -20.16
N ILE A 377 13.13 -2.01 -20.10
CA ILE A 377 12.78 -2.85 -21.24
C ILE A 377 11.32 -2.66 -21.62
N THR A 378 10.45 -2.61 -20.61
CA THR A 378 9.02 -2.51 -20.90
C THR A 378 8.68 -1.18 -21.57
N THR A 379 9.32 -0.09 -21.14
CA THR A 379 9.09 1.19 -21.80
C THR A 379 9.57 1.14 -23.24
N PHE A 380 10.76 0.58 -23.47
CA PHE A 380 11.20 0.26 -24.83
C PHE A 380 10.13 -0.51 -25.59
N ARG A 381 9.52 -1.51 -24.93
CA ARG A 381 8.58 -2.38 -25.61
C ARG A 381 7.25 -1.68 -25.85
N THR A 382 6.76 -0.93 -24.87
CA THR A 382 5.44 -0.31 -24.93
C THR A 382 5.46 1.15 -25.38
N GLY A 383 6.53 1.89 -25.10
CA GLY A 383 6.53 3.30 -25.43
C GLY A 383 5.70 4.14 -24.49
N THR A 384 5.34 3.60 -23.33
CA THR A 384 4.55 4.32 -22.33
C THR A 384 5.21 4.16 -20.96
N TRP A 385 4.92 5.11 -20.08
CA TRP A 385 5.46 5.12 -18.73
C TRP A 385 4.67 4.25 -17.75
N ASP A 386 3.84 3.33 -18.25
CA ASP A 386 3.06 2.49 -17.36
C ASP A 386 3.96 1.70 -16.41
N ALA A 387 5.12 1.26 -16.90
CA ALA A 387 6.02 0.49 -16.05
C ALA A 387 6.48 1.29 -14.83
N TYR A 388 6.68 2.59 -15.00
CA TYR A 388 7.03 3.45 -13.88
C TYR A 388 5.81 3.96 -13.13
N LEU A 389 4.70 4.16 -13.81
CA LEU A 389 3.49 4.67 -13.16
C LEU A 389 2.28 4.25 -13.99
N ASN A 390 1.62 3.17 -13.60
CA ASN A 390 0.45 2.67 -14.32
C ASN A 390 -0.79 3.31 -13.71
N LYS A 391 -1.38 4.27 -14.42
CA LYS A 391 -2.52 4.98 -13.88
C LYS A 391 -3.74 4.09 -13.79
N LYS A 392 -3.87 3.13 -14.70
CA LYS A 392 -5.01 2.22 -14.69
C LYS A 392 -4.99 1.33 -13.45
N LYS A 393 -3.79 0.91 -13.03
CA LYS A 393 -3.69 0.10 -11.81
C LYS A 393 -4.04 0.90 -10.57
N ILE A 394 -3.58 2.16 -10.50
CA ILE A 394 -3.93 2.99 -9.35
C ILE A 394 -5.43 3.22 -9.30
N LEU A 395 -6.03 3.46 -10.46
CA LEU A 395 -7.46 3.73 -10.51
C LEU A 395 -8.27 2.56 -9.97
N ARG A 396 -7.91 1.33 -10.37
CA ARG A 396 -8.62 0.17 -9.85
C ARG A 396 -8.46 0.06 -8.35
N MET A 397 -7.26 0.28 -7.84
CA MET A 397 -7.02 0.18 -6.40
C MET A 397 -7.90 1.15 -5.63
N ILE A 398 -7.91 2.42 -6.04
CA ILE A 398 -8.68 3.43 -5.33
C ILE A 398 -10.16 3.07 -5.34
N ILE A 399 -10.67 2.65 -6.51
CA ILE A 399 -12.09 2.31 -6.63
C ILE A 399 -12.42 1.11 -5.75
N VAL A 400 -11.65 0.03 -5.87
CA VAL A 400 -11.92 -1.17 -5.07
C VAL A 400 -11.79 -0.85 -3.59
N HIS A 401 -10.70 -0.18 -3.21
CA HIS A 401 -10.49 0.14 -1.81
C HIS A 401 -11.64 0.96 -1.24
N LEU A 402 -12.07 1.99 -1.97
CA LEU A 402 -13.11 2.87 -1.46
C LEU A 402 -14.43 2.14 -1.30
N PHE A 403 -14.82 1.37 -2.33
CA PHE A 403 -16.16 0.79 -2.29
C PHE A 403 -16.26 -0.35 -1.29
N ILE A 404 -15.23 -1.20 -1.22
CA ILE A 404 -15.22 -2.26 -0.21
C ILE A 404 -15.24 -1.66 1.19
N PHE A 405 -14.36 -0.69 1.45
CA PHE A 405 -14.31 -0.05 2.76
C PHE A 405 -15.65 0.61 3.09
N CYS A 406 -16.20 1.41 2.16
CA CYS A 406 -17.45 2.10 2.45
C CYS A 406 -18.61 1.11 2.61
N PHE A 407 -18.79 0.23 1.62
CA PHE A 407 -19.91 -0.71 1.64
C PHE A 407 -19.86 -1.63 2.85
N CYS A 408 -18.66 -2.07 3.25
CA CYS A 408 -18.58 -3.02 4.36
C CYS A 408 -18.91 -2.36 5.70
N PHE A 409 -18.45 -1.13 5.90
CA PHE A 409 -18.44 -0.52 7.22
C PHE A 409 -19.45 0.61 7.39
N ILE A 410 -19.79 1.35 6.34
CA ILE A 410 -20.78 2.42 6.50
C ILE A 410 -22.11 1.88 7.00
N PRO A 411 -22.70 0.82 6.41
CA PRO A 411 -23.99 0.33 6.93
C PRO A 411 -23.97 0.00 8.42
N TYR A 412 -22.98 -0.75 8.89
CA TYR A 412 -23.00 -1.15 10.29
C TYR A 412 -22.87 0.04 11.22
N ASN A 413 -22.01 0.99 10.87
CA ASN A 413 -21.66 2.04 11.82
C ASN A 413 -22.73 3.12 11.91
N VAL A 414 -23.39 3.45 10.79
CA VAL A 414 -24.49 4.42 10.86
C VAL A 414 -25.66 3.82 11.66
N ASN A 415 -25.90 2.53 11.50
CA ASN A 415 -26.99 1.90 12.23
C ASN A 415 -26.69 1.82 13.72
N LEU A 416 -25.41 1.68 14.07
CA LEU A 416 -25.06 1.63 15.48
C LEU A 416 -25.20 3.00 16.13
N VAL A 417 -24.93 4.07 15.38
CA VAL A 417 -25.14 5.42 15.91
C VAL A 417 -26.62 5.67 16.11
N PHE A 418 -27.44 5.29 15.14
CA PHE A 418 -28.89 5.46 15.29
C PHE A 418 -29.43 4.55 16.41
N TYR A 419 -28.87 3.35 16.54
CA TYR A 419 -29.24 2.46 17.63
C TYR A 419 -29.09 3.18 18.98
N SER A 420 -27.96 3.86 19.18
CA SER A 420 -27.76 4.62 20.41
C SER A 420 -28.68 5.82 20.49
N LEU A 421 -28.84 6.54 19.37
CA LEU A 421 -29.75 7.68 19.33
C LEU A 421 -31.20 7.24 19.51
N VAL A 422 -31.61 6.18 18.81
CA VAL A 422 -32.98 5.69 18.92
C VAL A 422 -33.25 5.20 20.34
N ARG A 423 -32.24 4.60 20.98
CA ARG A 423 -32.39 4.17 22.37
C ARG A 423 -32.78 5.32 23.29
N THR A 424 -32.37 6.55 22.96
CA THR A 424 -32.67 7.71 23.81
C THR A 424 -33.35 8.82 23.03
N ASN A 425 -32.68 9.41 22.05
CA ASN A 425 -33.00 10.76 21.58
C ASN A 425 -34.03 10.81 20.46
N THR A 426 -33.97 9.90 19.48
CA THR A 426 -34.85 9.98 18.31
C THR A 426 -36.32 9.83 18.70
N LEU A 427 -36.68 8.71 19.33
CA LEU A 427 -37.99 8.52 19.96
C LEU A 427 -39.15 8.60 18.96
N LYS A 428 -38.92 8.20 17.71
CA LYS A 428 -39.92 8.41 16.68
C LYS A 428 -40.89 7.24 16.56
N GLY A 429 -40.64 6.13 17.28
CA GLY A 429 -41.64 5.11 17.54
C GLY A 429 -41.25 3.78 16.92
N CYS A 430 -42.27 3.01 16.54
CA CYS A 430 -42.05 1.77 15.81
C CYS A 430 -41.11 2.01 14.64
N ALA A 431 -41.49 2.91 13.73
CA ALA A 431 -40.66 3.19 12.56
C ALA A 431 -39.24 3.56 12.95
N ALA A 432 -39.08 4.28 14.05
CA ALA A 432 -37.72 4.59 14.49
C ALA A 432 -37.02 3.35 15.04
N GLU A 433 -37.59 2.75 16.10
CA GLU A 433 -36.94 1.64 16.79
C GLU A 433 -36.95 0.37 15.94
N SER A 434 -38.07 0.05 15.29
CA SER A 434 -38.16 -1.22 14.56
C SER A 434 -37.34 -1.20 13.28
N VAL A 435 -37.31 -0.09 12.55
CA VAL A 435 -36.53 -0.03 11.31
C VAL A 435 -35.04 -0.16 11.62
N VAL A 436 -34.54 0.63 12.58
CA VAL A 436 -33.14 0.55 12.97
C VAL A 436 -32.80 -0.86 13.42
N ARG A 437 -33.66 -1.47 14.22
CA ARG A 437 -33.39 -2.83 14.70
C ARG A 437 -33.44 -3.84 13.56
N THR A 438 -34.33 -3.63 12.59
CA THR A 438 -34.40 -4.55 11.46
C THR A 438 -33.12 -4.53 10.64
N ILE A 439 -32.54 -3.34 10.47
CA ILE A 439 -31.33 -3.20 9.65
C ILE A 439 -30.08 -3.72 10.37
N TYR A 440 -30.09 -3.77 11.70
CA TYR A 440 -28.87 -4.09 12.44
C TYR A 440 -28.26 -5.43 12.03
N PRO A 441 -29.02 -6.54 11.97
CA PRO A 441 -28.37 -7.81 11.57
C PRO A 441 -27.84 -7.78 10.14
N ILE A 442 -28.56 -7.11 9.24
CA ILE A 442 -28.12 -7.00 7.85
C ILE A 442 -26.75 -6.32 7.77
N ALA A 443 -26.65 -5.13 8.38
CA ALA A 443 -25.40 -4.37 8.33
C ALA A 443 -24.28 -5.09 9.06
N LEU A 444 -24.60 -5.87 10.09
CA LEU A 444 -23.57 -6.66 10.75
C LEU A 444 -23.04 -7.75 9.82
N CYS A 445 -23.93 -8.51 9.21
CA CYS A 445 -23.50 -9.57 8.30
C CYS A 445 -22.68 -9.01 7.15
N ILE A 446 -23.09 -7.87 6.60
CA ILE A 446 -22.30 -7.17 5.60
C ILE A 446 -20.92 -6.84 6.16
N ALA A 447 -20.88 -6.28 7.37
CA ALA A 447 -19.59 -5.93 8.00
C ALA A 447 -18.75 -7.17 8.30
N VAL A 448 -19.39 -8.30 8.63
CA VAL A 448 -18.62 -9.51 8.90
C VAL A 448 -17.97 -10.04 7.61
N SER A 449 -18.46 -9.61 6.45
CA SER A 449 -17.94 -10.06 5.16
C SER A 449 -16.61 -9.41 4.80
N ASN A 450 -16.01 -8.65 5.71
CA ASN A 450 -14.73 -8.00 5.43
C ASN A 450 -13.64 -9.03 5.14
N CYS A 451 -13.59 -10.11 5.92
CA CYS A 451 -12.52 -11.09 5.75
C CYS A 451 -12.58 -11.77 4.39
N CYS A 452 -13.76 -11.84 3.79
CA CYS A 452 -13.88 -12.34 2.42
C CYS A 452 -13.45 -11.32 1.38
N PHE A 453 -13.67 -10.03 1.64
CA PHE A 453 -13.32 -8.98 0.70
C PHE A 453 -11.93 -8.41 0.91
N ASP A 454 -11.31 -8.68 2.05
CA ASP A 454 -9.95 -8.18 2.29
C ASP A 454 -8.93 -8.72 1.29
N PRO A 455 -8.92 -10.01 0.94
CA PRO A 455 -7.97 -10.48 -0.10
C PRO A 455 -7.99 -9.66 -1.38
N ILE A 456 -9.17 -9.33 -1.90
CA ILE A 456 -9.26 -8.55 -3.14
C ILE A 456 -8.51 -7.23 -3.00
N VAL A 457 -8.66 -6.56 -1.86
CA VAL A 457 -7.94 -5.32 -1.63
C VAL A 457 -6.43 -5.55 -1.72
N TYR A 458 -5.94 -6.63 -1.11
CA TYR A 458 -4.50 -6.90 -1.14
C TYR A 458 -4.00 -7.03 -2.57
N TYR A 459 -4.75 -7.75 -3.41
CA TYR A 459 -4.33 -7.97 -4.79
C TYR A 459 -4.17 -6.66 -5.55
N PHE A 460 -5.20 -5.83 -5.55
CA PHE A 460 -5.15 -4.60 -6.34
C PHE A 460 -4.21 -3.58 -5.73
N THR A 461 -4.05 -3.59 -4.42
CA THR A 461 -3.05 -2.72 -3.81
C THR A 461 -1.64 -3.21 -4.09
N SER A 462 -1.45 -4.53 -4.19
CA SER A 462 -0.10 -5.02 -4.51
C SER A 462 0.28 -4.68 -5.95
N GLU A 463 -0.70 -4.54 -6.85
CA GLU A 463 -0.39 -4.21 -8.24
C GLU A 463 0.23 -2.83 -8.36
N THR A 464 -0.03 -1.96 -7.40
CA THR A 464 0.55 -0.62 -7.39
C THR A 464 1.90 -0.54 -6.71
N ILE A 465 2.33 -1.60 -6.00
CA ILE A 465 3.57 -1.55 -5.25
C ILE A 465 4.75 -1.46 -6.22
N GLN A 466 5.69 -0.56 -5.93
CA GLN A 466 6.88 -0.33 -6.75
C GLN A 466 7.92 -1.41 -6.48
N ASN A 467 8.32 -2.14 -7.52
CA ASN A 467 9.19 -3.30 -7.32
C ASN A 467 10.56 -2.87 -6.77
N SER A 468 11.15 -1.84 -7.37
CA SER A 468 12.49 -1.37 -7.01
C SER A 468 12.41 -0.08 -6.19
N ALA A 469 13.55 0.30 -5.63
CA ALA A 469 13.60 1.41 -4.69
C ALA A 469 14.97 2.09 -4.78
N SER A 470 15.31 2.86 -3.76
CA SER A 470 16.40 3.83 -3.86
C SER A 470 17.64 3.43 -3.09
N SER A 471 17.51 2.86 -1.91
CA SER A 471 18.65 2.63 -1.02
C SER A 471 18.82 1.14 -0.72
N GLU A 472 19.95 0.84 -0.07
CA GLU A 472 20.49 -0.48 0.24
C GLU A 472 20.98 -1.22 -1.01
N ASP A 473 20.90 -0.63 -2.20
CA ASP A 473 21.24 -1.33 -3.43
C ASP A 473 22.74 -1.24 -3.68
N LEU A 474 23.32 -2.37 -4.09
CA LEU A 474 24.75 -2.40 -4.37
C LEU A 474 25.11 -1.48 -5.52
N TYR A 475 24.39 -1.58 -6.62
CA TYR A 475 24.76 -0.92 -7.87
C TYR A 475 23.88 0.31 -8.09
N PHE A 476 24.46 1.48 -7.88
CA PHE A 476 23.82 2.74 -8.24
C PHE A 476 24.88 3.65 -8.84
N GLN A 477 24.47 4.43 -9.84
CA GLN A 477 25.40 5.36 -10.50
C GLN A 477 25.02 6.81 -10.17
#